data_3U4T
#
_entry.id   3U4T
#
_cell.length_a   84.671
_cell.length_b   42.822
_cell.length_c   104.946
_cell.angle_alpha   90.000
_cell.angle_beta   92.830
_cell.angle_gamma   90.000
#
_symmetry.space_group_name_H-M   'P 1 21 1'
#
loop_
_entity.id
_entity.type
_entity.pdbx_description
1 polymer 'TPR repeat-containing protein'
2 water water
#
_entity_poly.entity_id   1
_entity_poly.type   'polypeptide(L)'
_entity_poly.pdbx_seq_one_letter_code
;(MSE)NDDVEFRYADFLFKNNNYAEAIEVFNKLEAKKYNSPYIYNRRAVCYYELAKYDLAQKDIETYFSKVNATKAKSAD
FEYYGKIL(MSE)KKGQDSLAIQQYQAAVDRDTTRLD(MSE)YGQIGSYFYNKGNFPLAIQY(MSE)EKQIRPTTTDPKV
FYELGQAYYYNKEYVKADSSFVKVLELKPNIYIGYLWRARANAAQDPDTKQGLAKPYYEKLIEVCAPGGAKYKDELIEAN
EYIAYYYTINRDKVKADAAWKNILALDPTNKKAIDGLK(MSE)KLEHHHHHH
;
_entity_poly.pdbx_strand_id   A,B
#
# COMPACT_ATOMS: atom_id res chain seq x y z
N VAL A 5 31.10 -24.10 35.27
CA VAL A 5 29.86 -24.62 34.57
C VAL A 5 28.98 -23.46 34.22
N GLU A 6 28.93 -22.50 35.16
CA GLU A 6 28.11 -21.32 35.00
C GLU A 6 28.50 -20.56 33.75
N PHE A 7 29.82 -20.32 33.62
CA PHE A 7 30.31 -19.61 32.45
C PHE A 7 29.83 -20.40 31.24
N ARG A 8 29.88 -21.73 31.36
CA ARG A 8 29.47 -22.55 30.24
C ARG A 8 27.98 -22.40 29.93
N TYR A 9 27.21 -21.90 30.90
CA TYR A 9 25.79 -21.66 30.70
C TYR A 9 25.64 -20.40 29.86
N ALA A 10 26.29 -19.34 30.31
CA ALA A 10 26.26 -18.07 29.62
C ALA A 10 26.68 -18.28 28.16
N ASP A 11 27.72 -19.08 27.94
CA ASP A 11 28.21 -19.35 26.60
C ASP A 11 27.14 -20.12 25.85
N PHE A 12 26.32 -20.84 26.60
CA PHE A 12 25.24 -21.61 26.02
C PHE A 12 24.19 -20.68 25.44
N LEU A 13 23.77 -19.73 26.26
CA LEU A 13 22.76 -18.75 25.85
C LEU A 13 23.31 -17.94 24.68
N PHE A 14 24.54 -17.47 24.86
CA PHE A 14 25.22 -16.66 23.86
C PHE A 14 25.37 -17.39 22.53
N LYS A 15 25.84 -18.62 22.60
CA LYS A 15 26.00 -19.42 21.40
C LYS A 15 24.61 -19.60 20.79
N ASN A 16 23.59 -19.18 21.57
CA ASN A 16 22.18 -19.29 21.22
C ASN A 16 21.45 -17.99 21.09
N ASN A 17 22.25 -16.92 21.20
CA ASN A 17 21.79 -15.53 21.08
C ASN A 17 21.00 -14.77 22.18
N ASN A 18 20.90 -15.32 23.38
CA ASN A 18 20.20 -14.67 24.47
C ASN A 18 21.01 -13.58 25.15
N TYR A 19 21.39 -12.61 24.34
CA TYR A 19 22.19 -11.50 24.78
C TYR A 19 21.83 -10.93 26.13
N ALA A 20 20.60 -10.45 26.29
CA ALA A 20 20.21 -9.85 27.56
C ALA A 20 20.30 -10.85 28.71
N GLU A 21 20.11 -12.12 28.39
CA GLU A 21 20.19 -13.18 29.39
C GLU A 21 21.63 -13.52 29.66
N ALA A 22 22.40 -13.70 28.59
CA ALA A 22 23.81 -14.02 28.73
C ALA A 22 24.44 -12.88 29.52
N ILE A 23 23.94 -11.67 29.31
CA ILE A 23 24.45 -10.50 29.99
C ILE A 23 24.22 -10.55 31.51
N GLU A 24 23.05 -11.03 31.91
CA GLU A 24 22.71 -11.14 33.32
C GLU A 24 23.72 -12.01 34.08
N VAL A 25 24.02 -13.19 33.54
CA VAL A 25 24.97 -14.11 34.16
C VAL A 25 26.41 -13.62 34.11
N PHE A 26 26.79 -13.00 32.99
CA PHE A 26 28.14 -12.47 32.87
C PHE A 26 28.34 -11.39 33.93
N ASN A 27 27.31 -10.59 34.16
CA ASN A 27 27.36 -9.49 35.14
C ASN A 27 27.55 -9.96 36.58
N LYS A 28 27.02 -11.12 36.91
CA LYS A 28 27.18 -11.65 38.27
C LYS A 28 28.56 -12.28 38.30
N LEU A 29 28.89 -12.97 37.22
CA LEU A 29 30.18 -13.63 37.06
C LEU A 29 31.32 -12.63 37.32
N GLU A 30 31.15 -11.39 36.85
CA GLU A 30 32.17 -10.37 37.07
C GLU A 30 32.12 -9.86 38.51
N ALA A 31 30.92 -9.73 39.05
CA ALA A 31 30.72 -9.25 40.42
C ALA A 31 31.31 -10.20 41.46
N LYS A 32 31.45 -11.46 41.09
CA LYS A 32 32.01 -12.47 41.98
C LYS A 32 33.43 -12.78 41.52
N LYS A 33 33.97 -11.85 40.76
CA LYS A 33 35.33 -11.87 40.22
C LYS A 33 35.82 -13.12 39.48
N TYR A 34 35.06 -13.61 38.51
CA TYR A 34 35.51 -14.78 37.78
C TYR A 34 36.77 -14.37 37.01
N ASN A 35 37.89 -15.05 37.31
CA ASN A 35 39.18 -14.77 36.67
C ASN A 35 39.22 -15.32 35.24
N SER A 36 38.62 -14.57 34.33
CA SER A 36 38.57 -14.98 32.94
C SER A 36 38.30 -13.79 32.05
N PRO A 37 39.02 -13.67 30.94
CA PRO A 37 38.78 -12.55 30.03
C PRO A 37 37.64 -12.83 29.05
N TYR A 38 37.38 -14.11 28.85
CA TYR A 38 36.36 -14.56 27.90
C TYR A 38 34.91 -14.27 28.20
N ILE A 39 34.62 -13.59 29.30
CA ILE A 39 33.25 -13.24 29.58
C ILE A 39 33.04 -11.87 28.94
N TYR A 40 34.13 -11.12 28.82
CA TYR A 40 34.09 -9.77 28.29
C TYR A 40 33.92 -9.67 26.78
N ASN A 41 34.60 -10.50 26.00
CA ASN A 41 34.42 -10.38 24.55
C ASN A 41 33.04 -10.85 24.13
N ARG A 42 32.45 -11.73 24.94
CA ARG A 42 31.12 -12.26 24.64
C ARG A 42 30.05 -11.27 25.08
N ARG A 43 30.26 -10.63 26.22
CA ARG A 43 29.30 -9.66 26.71
C ARG A 43 29.35 -8.46 25.77
N ALA A 44 30.55 -8.17 25.28
CA ALA A 44 30.71 -7.05 24.36
C ALA A 44 29.83 -7.26 23.14
N VAL A 45 29.89 -8.45 22.55
CA VAL A 45 29.07 -8.78 21.39
C VAL A 45 27.58 -8.72 21.76
N CYS A 46 27.21 -9.28 22.91
CA CYS A 46 25.82 -9.23 23.32
C CYS A 46 25.37 -7.76 23.28
N TYR A 47 26.05 -6.90 24.04
CA TYR A 47 25.70 -5.48 24.06
C TYR A 47 25.65 -4.88 22.64
N TYR A 48 26.60 -5.26 21.80
CA TYR A 48 26.66 -4.77 20.43
C TYR A 48 25.41 -5.14 19.62
N GLU A 49 24.92 -6.38 19.79
CA GLU A 49 23.73 -6.82 19.07
C GLU A 49 22.47 -6.13 19.62
N LEU A 50 22.54 -5.70 20.88
CA LEU A 50 21.43 -5.01 21.53
C LEU A 50 21.65 -3.50 21.37
N ALA A 51 22.53 -3.12 20.44
CA ALA A 51 22.83 -1.73 20.14
C ALA A 51 23.19 -0.81 21.31
N LYS A 52 23.83 -1.37 22.33
CA LYS A 52 24.31 -0.57 23.47
C LYS A 52 25.78 -0.55 23.12
N TYR A 53 26.20 0.47 22.39
CA TYR A 53 27.58 0.55 21.94
C TYR A 53 28.60 1.08 22.94
N ASP A 54 28.16 1.87 23.91
CA ASP A 54 29.07 2.40 24.91
C ASP A 54 29.46 1.25 25.85
N LEU A 55 28.48 0.43 26.18
CA LEU A 55 28.65 -0.72 27.04
C LEU A 55 29.51 -1.75 26.34
N ALA A 56 29.26 -1.93 25.05
CA ALA A 56 30.02 -2.87 24.26
C ALA A 56 31.47 -2.40 24.00
N GLN A 57 31.70 -1.09 24.02
CA GLN A 57 33.06 -0.61 23.82
C GLN A 57 33.85 -0.89 25.09
N LYS A 58 33.25 -0.56 26.24
CA LYS A 58 33.94 -0.78 27.50
C LYS A 58 34.29 -2.26 27.67
N ASP A 59 33.38 -3.14 27.24
CA ASP A 59 33.59 -4.58 27.34
C ASP A 59 34.68 -5.13 26.42
N ILE A 60 34.68 -4.69 25.16
CA ILE A 60 35.69 -5.20 24.26
C ILE A 60 37.06 -4.67 24.65
N GLU A 61 37.10 -3.54 25.35
CA GLU A 61 38.37 -2.97 25.77
C GLU A 61 38.85 -3.62 27.05
N THR A 62 37.90 -4.02 27.90
CA THR A 62 38.26 -4.69 29.14
C THR A 62 38.82 -6.02 28.66
N TYR A 63 38.14 -6.63 27.69
CA TYR A 63 38.60 -7.89 27.14
C TYR A 63 40.08 -7.80 26.70
N PHE A 64 40.41 -6.84 25.83
CA PHE A 64 41.78 -6.68 25.33
C PHE A 64 42.84 -6.26 26.35
N SER A 65 42.41 -5.80 27.52
CA SER A 65 43.35 -5.41 28.55
C SER A 65 43.58 -6.61 29.46
N LYS A 66 42.89 -7.71 29.16
CA LYS A 66 42.99 -8.94 29.94
C LYS A 66 43.35 -10.19 29.16
N VAL A 67 42.96 -10.24 27.89
CA VAL A 67 43.25 -11.42 27.07
C VAL A 67 44.71 -11.57 26.74
N ASN A 68 45.12 -12.82 26.57
CA ASN A 68 46.48 -13.16 26.21
C ASN A 68 46.63 -13.03 24.68
N ALA A 69 47.49 -12.11 24.26
CA ALA A 69 47.75 -11.83 22.84
C ALA A 69 47.79 -13.03 21.90
N THR A 70 48.31 -14.17 22.35
CA THR A 70 48.36 -15.33 21.46
C THR A 70 47.03 -16.06 21.38
N LYS A 71 46.12 -15.72 22.28
CA LYS A 71 44.81 -16.35 22.33
C LYS A 71 43.77 -15.57 21.54
N ALA A 72 43.89 -14.24 21.52
CA ALA A 72 42.95 -13.39 20.79
C ALA A 72 42.63 -13.96 19.42
N LYS A 73 41.39 -13.84 18.99
CA LYS A 73 41.00 -14.39 17.70
C LYS A 73 40.66 -13.31 16.67
N SER A 74 40.52 -13.73 15.43
CA SER A 74 40.17 -12.84 14.36
C SER A 74 38.84 -12.15 14.65
N ALA A 75 37.92 -12.90 15.22
CA ALA A 75 36.60 -12.40 15.55
C ALA A 75 36.62 -11.25 16.53
N ASP A 76 37.47 -11.34 17.54
CA ASP A 76 37.53 -10.28 18.54
C ASP A 76 37.92 -8.94 17.91
N PHE A 77 38.89 -8.95 17.01
CA PHE A 77 39.30 -7.71 16.35
C PHE A 77 38.14 -7.20 15.48
N GLU A 78 37.48 -8.13 14.81
CA GLU A 78 36.33 -7.79 13.96
C GLU A 78 35.28 -7.00 14.74
N TYR A 79 34.85 -7.55 15.87
CA TYR A 79 33.86 -6.87 16.70
C TYR A 79 34.38 -5.59 17.33
N TYR A 80 35.69 -5.50 17.51
CA TYR A 80 36.26 -4.29 18.09
C TYR A 80 35.97 -3.20 17.06
N GLY A 81 36.28 -3.50 15.80
CA GLY A 81 36.04 -2.56 14.72
C GLY A 81 34.57 -2.26 14.51
N LYS A 82 33.72 -3.29 14.55
CA LYS A 82 32.29 -3.05 14.37
C LYS A 82 31.83 -2.11 15.48
N ILE A 83 32.34 -2.32 16.69
CA ILE A 83 31.95 -1.47 17.82
C ILE A 83 32.48 -0.05 17.68
N LEU A 84 33.70 0.09 17.16
CA LEU A 84 34.28 1.42 16.97
C LEU A 84 33.56 2.15 15.85
N MSE A 85 33.25 1.44 14.77
CA MSE A 85 32.56 2.11 13.68
C MSE A 85 31.24 2.69 14.23
O MSE A 85 30.89 3.83 13.91
CB MSE A 85 32.29 1.13 12.53
CG MSE A 85 31.81 1.82 11.25
SE MSE A 85 33.12 3.01 10.50
CE MSE A 85 34.14 1.69 9.49
N LYS A 86 30.52 1.94 15.05
CA LYS A 86 29.26 2.45 15.61
C LYS A 86 29.47 3.67 16.50
N LYS A 87 30.63 3.78 17.11
CA LYS A 87 30.94 4.90 18.00
C LYS A 87 31.59 6.08 17.26
N GLY A 88 31.65 5.94 15.94
CA GLY A 88 32.18 7.00 15.11
C GLY A 88 33.68 7.06 14.99
N GLN A 89 34.40 6.04 15.47
CA GLN A 89 35.85 6.08 15.39
C GLN A 89 36.36 5.27 14.21
N ASP A 90 35.95 5.76 13.04
CA ASP A 90 36.26 5.18 11.73
C ASP A 90 37.70 4.70 11.49
N SER A 91 38.70 5.53 11.79
CA SER A 91 40.07 5.12 11.55
C SER A 91 40.49 3.94 12.40
N LEU A 92 40.07 3.96 13.66
CA LEU A 92 40.39 2.89 14.60
C LEU A 92 39.66 1.62 14.17
N ALA A 93 38.39 1.76 13.78
CA ALA A 93 37.65 0.59 13.33
C ALA A 93 38.30 -0.01 12.08
N ILE A 94 38.76 0.83 11.15
CA ILE A 94 39.40 0.32 9.93
C ILE A 94 40.65 -0.48 10.29
N GLN A 95 41.42 -0.01 11.27
CA GLN A 95 42.62 -0.72 11.65
C GLN A 95 42.27 -2.08 12.23
N GLN A 96 41.22 -2.12 13.03
CA GLN A 96 40.78 -3.37 13.65
C GLN A 96 40.31 -4.35 12.59
N TYR A 97 39.71 -3.83 11.52
CA TYR A 97 39.26 -4.71 10.44
C TYR A 97 40.49 -5.29 9.77
N GLN A 98 41.52 -4.47 9.64
CA GLN A 98 42.75 -4.91 9.02
C GLN A 98 43.41 -5.93 9.92
N ALA A 99 43.51 -5.59 11.20
CA ALA A 99 44.12 -6.50 12.16
C ALA A 99 43.50 -7.90 12.12
N ALA A 100 42.18 -7.94 11.98
CA ALA A 100 41.44 -9.20 11.97
C ALA A 100 41.79 -10.11 10.81
N VAL A 101 42.02 -9.53 9.63
CA VAL A 101 42.38 -10.33 8.48
C VAL A 101 43.86 -10.70 8.56
N ASP A 102 44.62 -9.93 9.34
CA ASP A 102 46.05 -10.21 9.56
C ASP A 102 46.19 -11.42 10.48
N ARG A 103 45.24 -11.57 11.39
CA ARG A 103 45.21 -12.67 12.35
C ARG A 103 44.66 -13.95 11.73
N ASP A 104 43.70 -13.80 10.83
CA ASP A 104 43.10 -14.94 10.15
C ASP A 104 42.99 -14.51 8.68
N THR A 105 43.99 -14.89 7.88
CA THR A 105 44.01 -14.49 6.49
C THR A 105 42.92 -15.02 5.57
N THR A 106 42.00 -15.84 6.09
CA THR A 106 40.93 -16.34 5.26
C THR A 106 39.72 -15.42 5.40
N ARG A 107 39.79 -14.49 6.35
CA ARG A 107 38.72 -13.54 6.58
C ARG A 107 38.77 -12.40 5.55
N LEU A 108 38.81 -12.76 4.27
CA LEU A 108 38.86 -11.78 3.20
C LEU A 108 37.68 -10.83 3.23
N ASP A 109 36.63 -11.20 3.94
CA ASP A 109 35.46 -10.35 4.02
C ASP A 109 35.76 -9.03 4.74
N MSE A 110 36.85 -8.98 5.52
CA MSE A 110 37.24 -7.75 6.22
C MSE A 110 37.59 -6.68 5.19
O MSE A 110 37.32 -5.50 5.36
CB MSE A 110 38.47 -7.98 7.13
CG MSE A 110 38.21 -8.83 8.35
SE MSE A 110 36.71 -8.14 9.33
CE MSE A 110 37.62 -7.31 10.77
N TYR A 111 38.21 -7.10 4.09
CA TYR A 111 38.53 -6.14 3.06
C TYR A 111 37.23 -5.64 2.46
N GLY A 112 36.22 -6.51 2.44
CA GLY A 112 34.93 -6.11 1.92
C GLY A 112 34.31 -5.07 2.84
N GLN A 113 34.60 -5.20 4.12
CA GLN A 113 34.11 -4.28 5.15
C GLN A 113 34.76 -2.91 4.99
N ILE A 114 36.05 -2.92 4.70
CA ILE A 114 36.79 -1.68 4.54
C ILE A 114 36.38 -0.97 3.26
N GLY A 115 36.16 -1.75 2.20
CA GLY A 115 35.74 -1.18 0.93
C GLY A 115 34.36 -0.55 1.04
N SER A 116 33.41 -1.29 1.60
CA SER A 116 32.07 -0.76 1.76
C SER A 116 32.15 0.56 2.48
N TYR A 117 33.01 0.66 3.49
CA TYR A 117 33.17 1.90 4.25
C TYR A 117 33.47 3.07 3.34
N PHE A 118 34.49 2.93 2.53
CA PHE A 118 34.87 4.02 1.64
C PHE A 118 33.86 4.24 0.51
N TYR A 119 33.11 3.18 0.18
CA TYR A 119 32.07 3.24 -0.84
C TYR A 119 30.98 4.17 -0.31
N ASN A 120 30.64 4.00 0.96
CA ASN A 120 29.61 4.85 1.56
C ASN A 120 30.11 6.27 1.75
N LYS A 121 31.44 6.45 1.71
CA LYS A 121 32.01 7.79 1.87
C LYS A 121 32.39 8.38 0.53
N GLY A 122 32.06 7.68 -0.56
CA GLY A 122 32.36 8.19 -1.88
C GLY A 122 33.77 8.06 -2.43
N ASN A 123 34.61 7.25 -1.83
CA ASN A 123 35.94 7.10 -2.41
C ASN A 123 35.84 5.77 -3.08
N PHE A 124 35.37 5.78 -4.31
CA PHE A 124 35.18 4.55 -5.02
C PHE A 124 36.48 3.86 -5.38
N PRO A 125 37.52 4.62 -5.74
CA PRO A 125 38.76 3.92 -6.07
C PRO A 125 39.29 3.11 -4.88
N LEU A 126 39.27 3.73 -3.71
CA LEU A 126 39.76 3.03 -2.52
C LEU A 126 38.82 1.84 -2.24
N ALA A 127 37.52 2.09 -2.26
CA ALA A 127 36.52 1.03 -2.03
C ALA A 127 36.72 -0.15 -2.99
N ILE A 128 36.90 0.16 -4.27
CA ILE A 128 37.12 -0.87 -5.27
C ILE A 128 38.41 -1.62 -5.01
N GLN A 129 39.49 -0.88 -4.72
CA GLN A 129 40.78 -1.51 -4.46
C GLN A 129 40.66 -2.60 -3.41
N TYR A 130 40.03 -2.26 -2.29
CA TYR A 130 39.85 -3.21 -1.20
C TYR A 130 38.80 -4.29 -1.47
N MSE A 131 37.74 -3.95 -2.18
CA MSE A 131 36.73 -4.95 -2.51
C MSE A 131 37.36 -6.01 -3.43
O MSE A 131 36.99 -7.18 -3.37
CB MSE A 131 35.52 -4.31 -3.17
CG MSE A 131 34.45 -3.87 -2.18
SE MSE A 131 33.06 -2.90 -3.07
CE MSE A 131 32.27 -2.05 -1.51
N GLU A 132 38.31 -5.60 -4.25
CA GLU A 132 38.99 -6.53 -5.16
C GLU A 132 39.95 -7.47 -4.44
N LYS A 133 40.34 -7.10 -3.21
CA LYS A 133 41.25 -7.93 -2.41
C LYS A 133 40.58 -9.24 -2.04
N GLN A 134 39.26 -9.31 -2.21
CA GLN A 134 38.52 -10.52 -1.90
C GLN A 134 38.55 -11.48 -3.08
N ILE A 135 38.61 -10.92 -4.29
CA ILE A 135 38.62 -11.72 -5.49
C ILE A 135 39.77 -12.71 -5.62
N ARG A 136 39.40 -13.97 -5.79
CA ARG A 136 40.33 -15.06 -5.97
C ARG A 136 39.72 -15.82 -7.14
N PRO A 137 40.49 -16.67 -7.83
CA PRO A 137 39.88 -17.39 -8.94
C PRO A 137 38.95 -18.50 -8.44
N THR A 138 38.59 -18.44 -7.17
CA THR A 138 37.72 -19.43 -6.57
C THR A 138 36.44 -18.80 -6.04
N THR A 139 36.54 -17.54 -5.62
CA THR A 139 35.44 -16.76 -5.06
C THR A 139 34.05 -17.18 -5.51
N THR A 140 33.14 -17.28 -4.54
CA THR A 140 31.78 -17.69 -4.82
C THR A 140 30.72 -16.84 -4.18
N ASP A 141 31.10 -16.00 -3.22
CA ASP A 141 30.13 -15.16 -2.54
C ASP A 141 29.58 -14.10 -3.50
N PRO A 142 28.32 -14.24 -3.92
CA PRO A 142 27.66 -13.31 -4.84
C PRO A 142 27.78 -11.87 -4.37
N LYS A 143 27.48 -11.65 -3.09
CA LYS A 143 27.53 -10.32 -2.49
C LYS A 143 28.85 -9.64 -2.84
N VAL A 144 29.95 -10.38 -2.77
CA VAL A 144 31.23 -9.82 -3.11
C VAL A 144 31.13 -9.18 -4.50
N PHE A 145 30.56 -9.91 -5.44
CA PHE A 145 30.43 -9.39 -6.79
C PHE A 145 29.33 -8.34 -6.96
N TYR A 146 28.32 -8.40 -6.10
CA TYR A 146 27.22 -7.44 -6.13
C TYR A 146 27.68 -6.06 -5.65
N GLU A 147 28.41 -6.05 -4.53
CA GLU A 147 28.94 -4.83 -3.95
C GLU A 147 30.09 -4.27 -4.76
N LEU A 148 30.83 -5.14 -5.44
CA LEU A 148 31.93 -4.69 -6.25
C LEU A 148 31.37 -4.03 -7.50
N GLY A 149 30.33 -4.63 -8.09
CA GLY A 149 29.73 -4.07 -9.28
C GLY A 149 29.16 -2.68 -9.03
N GLN A 150 28.56 -2.50 -7.87
CA GLN A 150 28.00 -1.22 -7.50
C GLN A 150 29.13 -0.20 -7.37
N ALA A 151 30.26 -0.63 -6.81
CA ALA A 151 31.37 0.31 -6.67
C ALA A 151 31.80 0.76 -8.05
N TYR A 152 31.95 -0.19 -8.97
CA TYR A 152 32.33 0.12 -10.35
C TYR A 152 31.33 1.08 -10.99
N TYR A 153 30.04 0.77 -10.86
CA TYR A 153 28.97 1.58 -11.43
C TYR A 153 29.06 3.04 -11.00
N TYR A 154 29.14 3.27 -9.70
CA TYR A 154 29.20 4.62 -9.21
C TYR A 154 30.55 5.25 -9.52
N ASN A 155 31.50 4.43 -9.92
CA ASN A 155 32.82 4.95 -10.31
C ASN A 155 32.80 5.14 -11.81
N LYS A 156 31.60 5.01 -12.36
CA LYS A 156 31.36 5.18 -13.79
C LYS A 156 32.07 4.19 -14.69
N GLU A 157 32.44 3.03 -14.14
CA GLU A 157 33.07 1.99 -14.96
C GLU A 157 31.95 0.99 -15.21
N TYR A 158 30.98 1.41 -16.01
CA TYR A 158 29.81 0.59 -16.31
C TYR A 158 30.14 -0.73 -16.95
N VAL A 159 31.13 -0.72 -17.84
CA VAL A 159 31.49 -1.97 -18.48
C VAL A 159 31.88 -2.98 -17.41
N LYS A 160 32.75 -2.59 -16.47
CA LYS A 160 33.18 -3.49 -15.40
C LYS A 160 32.08 -3.81 -14.39
N ALA A 161 31.15 -2.89 -14.21
CA ALA A 161 30.03 -3.14 -13.30
C ALA A 161 29.19 -4.25 -13.91
N ASP A 162 29.01 -4.22 -15.23
CA ASP A 162 28.20 -5.22 -15.94
C ASP A 162 28.78 -6.62 -15.78
N SER A 163 30.07 -6.76 -16.07
CA SER A 163 30.73 -8.08 -15.96
C SER A 163 30.60 -8.61 -14.55
N SER A 164 30.75 -7.72 -13.58
CA SER A 164 30.65 -8.10 -12.19
C SER A 164 29.22 -8.50 -11.87
N PHE A 165 28.26 -7.89 -12.54
CA PHE A 165 26.87 -8.25 -12.30
C PHE A 165 26.56 -9.56 -13.02
N VAL A 166 27.25 -9.79 -14.14
CA VAL A 166 27.09 -11.03 -14.89
C VAL A 166 27.52 -12.17 -13.97
N LYS A 167 28.49 -11.89 -13.10
CA LYS A 167 28.98 -12.88 -12.15
C LYS A 167 27.97 -13.19 -11.07
N VAL A 168 27.21 -12.18 -10.64
CA VAL A 168 26.19 -12.41 -9.62
C VAL A 168 25.17 -13.37 -10.21
N LEU A 169 24.82 -13.14 -11.47
CA LEU A 169 23.87 -13.99 -12.17
C LEU A 169 24.40 -15.41 -12.32
N GLU A 170 25.66 -15.54 -12.72
CA GLU A 170 26.25 -16.86 -12.90
C GLU A 170 26.13 -17.70 -11.66
N LEU A 171 26.41 -17.10 -10.50
CA LEU A 171 26.36 -17.79 -9.23
C LEU A 171 24.94 -18.05 -8.73
N LYS A 172 24.04 -17.10 -8.98
CA LYS A 172 22.64 -17.27 -8.58
C LYS A 172 21.79 -16.90 -9.80
N PRO A 173 21.54 -17.86 -10.70
CA PRO A 173 20.77 -17.69 -11.93
C PRO A 173 19.37 -17.12 -11.74
N ASN A 174 19.01 -16.15 -12.56
CA ASN A 174 17.67 -15.55 -12.54
C ASN A 174 17.38 -14.68 -11.33
N ILE A 175 18.39 -14.39 -10.52
CA ILE A 175 18.19 -13.54 -9.35
C ILE A 175 17.88 -12.14 -9.89
N TYR A 176 16.72 -11.62 -9.51
CA TYR A 176 16.25 -10.33 -10.01
C TYR A 176 17.22 -9.17 -9.83
N ILE A 177 17.86 -9.14 -8.68
CA ILE A 177 18.80 -8.10 -8.36
C ILE A 177 19.93 -8.01 -9.39
N GLY A 178 20.25 -9.13 -10.02
CA GLY A 178 21.30 -9.13 -11.03
C GLY A 178 20.81 -8.49 -12.32
N TYR A 179 19.58 -8.80 -12.70
CA TYR A 179 19.03 -8.23 -13.93
C TYR A 179 18.86 -6.72 -13.73
N LEU A 180 18.39 -6.33 -12.54
CA LEU A 180 18.20 -4.91 -12.22
C LEU A 180 19.49 -4.13 -12.47
N TRP A 181 20.58 -4.62 -11.90
CA TRP A 181 21.88 -3.94 -12.03
C TRP A 181 22.51 -4.05 -13.41
N ARG A 182 22.30 -5.17 -14.08
CA ARG A 182 22.82 -5.31 -15.45
C ARG A 182 22.06 -4.26 -16.25
N ALA A 183 20.78 -4.13 -15.96
CA ALA A 183 19.95 -3.17 -16.65
C ALA A 183 20.54 -1.77 -16.44
N ARG A 184 20.74 -1.41 -15.17
CA ARG A 184 21.29 -0.12 -14.83
C ARG A 184 22.68 0.11 -15.43
N ALA A 185 23.51 -0.93 -15.40
CA ALA A 185 24.84 -0.82 -15.94
C ALA A 185 24.78 -0.55 -17.45
N ASN A 186 23.84 -1.19 -18.14
CA ASN A 186 23.69 -1.00 -19.58
C ASN A 186 23.00 0.33 -19.95
N ALA A 187 22.08 0.79 -19.11
CA ALA A 187 21.41 2.08 -19.38
C ALA A 187 22.44 3.20 -19.28
N ALA A 188 23.46 3.00 -18.44
CA ALA A 188 24.52 3.98 -18.25
C ALA A 188 25.38 4.06 -19.50
N GLN A 189 25.50 2.95 -20.23
CA GLN A 189 26.30 2.89 -21.45
C GLN A 189 25.51 3.45 -22.63
N ASP A 190 24.21 3.54 -22.47
CA ASP A 190 23.34 4.04 -23.54
C ASP A 190 22.48 5.20 -22.99
N PRO A 191 23.14 6.28 -22.53
CA PRO A 191 22.51 7.49 -21.95
C PRO A 191 21.31 8.06 -22.67
N ASP A 192 21.36 8.09 -24.00
CA ASP A 192 20.23 8.62 -24.75
C ASP A 192 19.33 7.51 -25.29
N THR A 193 19.51 6.31 -24.75
CA THR A 193 18.70 5.18 -25.14
C THR A 193 18.60 4.96 -26.65
N LYS A 194 19.67 5.30 -27.35
CA LYS A 194 19.69 5.13 -28.80
C LYS A 194 19.70 3.66 -29.22
N GLN A 195 20.18 2.77 -28.35
CA GLN A 195 20.25 1.35 -28.68
C GLN A 195 19.43 0.40 -27.83
N GLY A 196 18.84 0.88 -26.75
CA GLY A 196 18.04 0.03 -25.88
C GLY A 196 18.85 -1.05 -25.19
N LEU A 197 20.12 -0.76 -24.90
CA LEU A 197 21.00 -1.71 -24.24
C LEU A 197 20.43 -2.31 -22.98
N ALA A 198 19.65 -1.52 -22.25
CA ALA A 198 19.07 -1.99 -21.01
C ALA A 198 17.76 -2.74 -21.19
N LYS A 199 17.14 -2.55 -22.36
CA LYS A 199 15.86 -3.17 -22.68
C LYS A 199 15.69 -4.63 -22.26
N PRO A 200 16.53 -5.51 -22.80
CA PRO A 200 16.41 -6.93 -22.43
C PRO A 200 16.51 -7.25 -20.94
N TYR A 201 17.39 -6.55 -20.24
CA TYR A 201 17.57 -6.83 -18.80
C TYR A 201 16.34 -6.42 -17.98
N TYR A 202 15.75 -5.28 -18.32
CA TYR A 202 14.55 -4.84 -17.61
C TYR A 202 13.40 -5.77 -17.98
N GLU A 203 13.42 -6.29 -19.20
CA GLU A 203 12.36 -7.19 -19.64
C GLU A 203 12.48 -8.48 -18.82
N LYS A 204 13.72 -8.95 -18.62
CA LYS A 204 13.92 -10.15 -17.83
C LYS A 204 13.58 -9.88 -16.37
N LEU A 205 13.85 -8.65 -15.92
CA LEU A 205 13.55 -8.26 -14.55
C LEU A 205 12.06 -8.38 -14.28
N ILE A 206 11.27 -7.93 -15.24
CA ILE A 206 9.81 -8.02 -15.13
C ILE A 206 9.43 -9.50 -15.25
N GLU A 207 10.20 -10.25 -16.04
CA GLU A 207 9.93 -11.67 -16.23
C GLU A 207 9.95 -12.35 -14.87
N VAL A 208 11.08 -12.27 -14.19
CA VAL A 208 11.21 -12.89 -12.88
C VAL A 208 10.50 -12.13 -11.77
N CYS A 209 10.11 -10.89 -12.02
CA CYS A 209 9.43 -10.09 -10.99
C CYS A 209 7.93 -9.91 -11.08
N ALA A 210 7.39 -9.85 -12.27
CA ALA A 210 5.93 -9.67 -12.40
C ALA A 210 5.15 -10.49 -11.36
N PRO A 211 5.49 -11.78 -11.27
CA PRO A 211 4.84 -12.70 -10.35
C PRO A 211 4.74 -12.35 -8.88
N GLY A 212 5.76 -11.77 -8.27
CA GLY A 212 5.59 -11.46 -6.87
C GLY A 212 4.83 -10.14 -6.75
N GLY A 213 4.41 -9.56 -7.88
CA GLY A 213 3.65 -8.31 -7.83
C GLY A 213 4.21 -7.18 -6.93
N ALA A 214 3.38 -6.78 -5.98
CA ALA A 214 3.72 -5.70 -5.08
C ALA A 214 5.02 -5.88 -4.31
N LYS A 215 5.51 -7.12 -4.24
CA LYS A 215 6.73 -7.39 -3.50
C LYS A 215 7.95 -6.80 -4.21
N TYR A 216 7.81 -6.56 -5.51
CA TYR A 216 8.89 -5.99 -6.29
C TYR A 216 8.42 -4.68 -6.90
N LYS A 217 7.60 -3.96 -6.16
CA LYS A 217 7.03 -2.71 -6.63
C LYS A 217 8.03 -1.75 -7.28
N ASP A 218 9.02 -1.31 -6.53
CA ASP A 218 10.02 -0.37 -7.04
C ASP A 218 10.81 -0.86 -8.24
N GLU A 219 11.16 -2.15 -8.28
CA GLU A 219 11.92 -2.68 -9.41
C GLU A 219 11.02 -2.75 -10.66
N LEU A 220 9.80 -3.25 -10.50
CA LEU A 220 8.87 -3.35 -11.62
C LEU A 220 8.52 -1.99 -12.20
N ILE A 221 8.34 -1.02 -11.32
CA ILE A 221 8.01 0.32 -11.76
C ILE A 221 9.17 0.89 -12.57
N GLU A 222 10.40 0.68 -12.09
CA GLU A 222 11.59 1.16 -12.78
C GLU A 222 11.71 0.49 -14.15
N ALA A 223 11.48 -0.83 -14.16
CA ALA A 223 11.57 -1.60 -15.38
C ALA A 223 10.53 -1.11 -16.39
N ASN A 224 9.29 -0.95 -15.94
CA ASN A 224 8.24 -0.50 -16.84
C ASN A 224 8.43 0.93 -17.31
N GLU A 225 8.99 1.78 -16.44
CA GLU A 225 9.23 3.16 -16.80
C GLU A 225 10.22 3.21 -17.95
N TYR A 226 11.30 2.45 -17.84
CA TYR A 226 12.29 2.43 -18.91
C TYR A 226 11.60 2.00 -20.21
N ILE A 227 10.90 0.87 -20.15
CA ILE A 227 10.21 0.36 -21.33
C ILE A 227 9.28 1.42 -21.91
N ALA A 228 8.43 2.01 -21.08
CA ALA A 228 7.49 3.02 -21.56
C ALA A 228 8.20 4.17 -22.29
N TYR A 229 9.36 4.59 -21.80
CA TYR A 229 10.12 5.65 -22.44
C TYR A 229 10.77 5.10 -23.70
N TYR A 230 11.32 3.90 -23.62
CA TYR A 230 11.95 3.30 -24.78
C TYR A 230 10.96 3.31 -25.94
N TYR A 231 9.73 2.89 -25.64
CA TYR A 231 8.70 2.81 -26.66
C TYR A 231 8.11 4.13 -27.10
N THR A 232 8.17 5.14 -26.24
CA THR A 232 7.69 6.46 -26.63
C THR A 232 8.70 7.00 -27.62
N ILE A 233 9.98 6.80 -27.31
CA ILE A 233 11.04 7.23 -28.21
C ILE A 233 10.83 6.56 -29.56
N ASN A 234 10.54 5.28 -29.53
CA ASN A 234 10.34 4.51 -30.75
C ASN A 234 8.93 4.65 -31.33
N ARG A 235 8.19 5.61 -30.79
CA ARG A 235 6.84 5.93 -31.25
C ARG A 235 5.81 4.79 -31.22
N ASP A 236 5.96 3.87 -30.27
CA ASP A 236 5.01 2.77 -30.13
C ASP A 236 4.03 3.05 -28.99
N LYS A 237 3.03 3.89 -29.26
CA LYS A 237 2.01 4.26 -28.27
C LYS A 237 1.39 3.00 -27.63
N VAL A 238 1.09 2.01 -28.47
CA VAL A 238 0.47 0.77 -27.99
C VAL A 238 1.22 0.14 -26.82
N LYS A 239 2.49 -0.20 -27.04
CA LYS A 239 3.29 -0.81 -26.00
C LYS A 239 3.60 0.14 -24.85
N ALA A 240 3.92 1.38 -25.18
CA ALA A 240 4.27 2.37 -24.15
C ALA A 240 3.11 2.57 -23.17
N ASP A 241 1.90 2.63 -23.69
CA ASP A 241 0.75 2.80 -22.82
C ASP A 241 0.57 1.60 -21.90
N ALA A 242 0.81 0.41 -22.44
CA ALA A 242 0.68 -0.81 -21.67
C ALA A 242 1.65 -0.78 -20.48
N ALA A 243 2.86 -0.31 -20.73
CA ALA A 243 3.86 -0.23 -19.68
C ALA A 243 3.39 0.78 -18.66
N TRP A 244 2.88 1.91 -19.14
CA TRP A 244 2.38 2.97 -18.27
C TRP A 244 1.26 2.41 -17.43
N LYS A 245 0.56 1.42 -17.97
CA LYS A 245 -0.54 0.81 -17.25
C LYS A 245 -0.02 -0.13 -16.19
N ASN A 246 0.97 -0.94 -16.50
CA ASN A 246 1.50 -1.86 -15.50
C ASN A 246 1.93 -1.12 -14.23
N ILE A 247 2.34 0.13 -14.39
CA ILE A 247 2.78 0.92 -13.24
C ILE A 247 1.60 1.35 -12.35
N LEU A 248 0.53 1.84 -12.97
CA LEU A 248 -0.66 2.25 -12.22
C LEU A 248 -1.25 1.05 -11.50
N ALA A 249 -1.27 -0.09 -12.18
CA ALA A 249 -1.78 -1.34 -11.60
C ALA A 249 -1.03 -1.62 -10.29
N LEU A 250 0.21 -1.14 -10.21
CA LEU A 250 1.06 -1.31 -9.02
C LEU A 250 0.98 -0.08 -8.12
N ASP A 251 0.71 1.07 -8.72
CA ASP A 251 0.62 2.34 -8.02
C ASP A 251 -0.35 3.24 -8.78
N PRO A 252 -1.63 3.24 -8.38
CA PRO A 252 -2.71 4.03 -8.98
C PRO A 252 -2.51 5.54 -8.99
N THR A 253 -1.63 6.01 -8.11
CA THR A 253 -1.36 7.45 -7.97
C THR A 253 -0.07 7.92 -8.65
N ASN A 254 0.64 7.02 -9.33
CA ASN A 254 1.89 7.41 -9.96
C ASN A 254 1.73 8.52 -10.98
N LYS A 255 2.34 9.66 -10.69
CA LYS A 255 2.26 10.84 -11.55
C LYS A 255 2.90 10.74 -12.94
N LYS A 256 4.02 10.05 -13.05
CA LYS A 256 4.70 9.88 -14.34
C LYS A 256 3.83 9.08 -15.31
N ALA A 257 3.29 7.97 -14.83
CA ALA A 257 2.44 7.11 -15.66
C ALA A 257 1.10 7.75 -16.00
N ILE A 258 0.61 8.60 -15.10
CA ILE A 258 -0.67 9.26 -15.33
C ILE A 258 -0.52 10.25 -16.48
N ASP A 259 0.53 11.07 -16.40
CA ASP A 259 0.79 12.10 -17.41
C ASP A 259 1.29 11.53 -18.74
N GLY A 260 1.82 10.32 -18.70
CA GLY A 260 2.30 9.70 -19.92
C GLY A 260 1.13 9.13 -20.71
N LEU A 261 -0.02 9.03 -20.05
CA LEU A 261 -1.23 8.50 -20.68
C LEU A 261 -2.21 9.55 -21.20
N LYS A 262 -2.24 10.73 -20.57
CA LYS A 262 -3.15 11.77 -21.03
C LYS A 262 -2.55 12.59 -22.16
N GLU B 6 -26.17 43.00 -4.78
CA GLU B 6 -26.29 42.67 -3.31
C GLU B 6 -27.14 41.43 -3.03
N PHE B 7 -28.46 41.42 -3.30
CA PHE B 7 -29.13 40.14 -3.04
C PHE B 7 -28.59 39.38 -4.25
N ARG B 8 -28.59 40.08 -5.38
CA ARG B 8 -28.09 39.46 -6.59
C ARG B 8 -26.67 38.98 -6.42
N TYR B 9 -25.91 39.70 -5.62
CA TYR B 9 -24.52 39.33 -5.41
C TYR B 9 -24.52 38.03 -4.62
N ALA B 10 -25.52 37.87 -3.77
CA ALA B 10 -25.56 36.67 -2.97
C ALA B 10 -26.03 35.44 -3.74
N ASP B 11 -26.93 35.59 -4.72
CA ASP B 11 -27.38 34.42 -5.45
C ASP B 11 -26.18 33.92 -6.27
N PHE B 12 -25.43 34.89 -6.80
CA PHE B 12 -24.26 34.60 -7.63
C PHE B 12 -23.27 33.71 -6.92
N LEU B 13 -23.04 33.99 -5.64
CA LEU B 13 -22.11 33.21 -4.83
C LEU B 13 -22.69 31.82 -4.50
N PHE B 14 -23.98 31.81 -4.16
CA PHE B 14 -24.67 30.57 -3.80
C PHE B 14 -24.81 29.64 -4.98
N LYS B 15 -24.94 30.22 -6.15
CA LYS B 15 -25.06 29.43 -7.35
C LYS B 15 -23.67 28.92 -7.74
N ASN B 16 -22.63 29.44 -7.07
CA ASN B 16 -21.23 29.03 -7.31
C ASN B 16 -20.65 28.26 -6.14
N ASN B 17 -21.52 27.86 -5.22
CA ASN B 17 -21.13 27.11 -4.05
C ASN B 17 -20.15 27.82 -3.16
N ASN B 18 -20.21 29.15 -3.12
CA ASN B 18 -19.31 29.89 -2.26
C ASN B 18 -20.07 30.15 -0.97
N TYR B 19 -20.58 29.06 -0.42
CA TYR B 19 -21.36 29.07 0.81
C TYR B 19 -20.91 30.08 1.85
N ALA B 20 -19.63 30.00 2.22
CA ALA B 20 -19.08 30.90 3.24
C ALA B 20 -19.13 32.35 2.82
N GLU B 21 -18.98 32.58 1.52
CA GLU B 21 -19.00 33.93 0.98
C GLU B 21 -20.44 34.41 0.87
N ALA B 22 -21.32 33.52 0.40
CA ALA B 22 -22.72 33.85 0.26
C ALA B 22 -23.35 34.11 1.63
N ILE B 23 -22.83 33.43 2.65
CA ILE B 23 -23.35 33.57 4.00
C ILE B 23 -23.05 34.97 4.53
N GLU B 24 -21.86 35.46 4.20
CA GLU B 24 -21.43 36.77 4.64
C GLU B 24 -22.39 37.86 4.18
N VAL B 25 -22.74 37.84 2.90
CA VAL B 25 -23.64 38.85 2.35
C VAL B 25 -25.06 38.68 2.86
N PHE B 26 -25.60 37.47 2.77
CA PHE B 26 -26.96 37.27 3.26
C PHE B 26 -27.06 37.87 4.67
N ASN B 27 -26.07 37.58 5.52
CA ASN B 27 -26.05 38.09 6.90
C ASN B 27 -26.22 39.62 6.97
N LYS B 28 -25.53 40.34 6.10
CA LYS B 28 -25.63 41.79 6.10
C LYS B 28 -27.02 42.14 5.57
N LEU B 29 -27.44 41.40 4.55
CA LEU B 29 -28.75 41.59 3.93
C LEU B 29 -29.87 41.49 4.97
N GLU B 30 -29.70 40.64 5.98
CA GLU B 30 -30.70 40.49 7.04
C GLU B 30 -30.59 41.61 8.08
N ALA B 31 -29.36 41.98 8.41
CA ALA B 31 -29.11 43.05 9.38
C ALA B 31 -29.60 44.39 8.85
N LYS B 32 -29.73 44.50 7.53
CA LYS B 32 -30.21 45.73 6.92
C LYS B 32 -31.68 45.51 6.53
N LYS B 33 -32.22 44.41 7.05
CA LYS B 33 -33.61 43.99 6.86
C LYS B 33 -34.21 43.83 5.47
N TYR B 34 -33.49 43.15 4.57
CA TYR B 34 -34.01 42.93 3.23
C TYR B 34 -35.31 42.15 3.45
N ASN B 35 -36.36 42.54 2.72
CA ASN B 35 -37.66 41.90 2.82
C ASN B 35 -37.81 40.77 1.80
N SER B 36 -37.21 39.61 2.09
CA SER B 36 -37.30 38.48 1.17
C SER B 36 -37.06 37.19 1.91
N PRO B 37 -37.95 36.21 1.75
CA PRO B 37 -37.73 34.95 2.46
C PRO B 37 -36.55 34.20 1.87
N TYR B 38 -36.35 34.37 0.57
CA TYR B 38 -35.32 33.66 -0.20
C TYR B 38 -33.85 33.77 0.16
N ILE B 39 -33.51 34.54 1.18
CA ILE B 39 -32.12 34.63 1.59
C ILE B 39 -31.96 33.56 2.67
N TYR B 40 -33.09 33.20 3.28
CA TYR B 40 -33.13 32.23 4.37
C TYR B 40 -33.06 30.75 3.99
N ASN B 41 -33.57 30.37 2.83
CA ASN B 41 -33.47 28.98 2.43
C ASN B 41 -32.10 28.75 1.79
N ARG B 42 -31.60 29.76 1.07
CA ARG B 42 -30.28 29.66 0.45
C ARG B 42 -29.19 29.68 1.50
N ARG B 43 -29.38 30.49 2.55
CA ARG B 43 -28.37 30.56 3.61
C ARG B 43 -28.40 29.30 4.47
N ALA B 44 -29.55 28.65 4.55
CA ALA B 44 -29.66 27.42 5.33
C ALA B 44 -28.88 26.32 4.62
N VAL B 45 -28.93 26.31 3.29
CA VAL B 45 -28.21 25.33 2.47
C VAL B 45 -26.71 25.56 2.61
N CYS B 46 -26.30 26.82 2.56
CA CYS B 46 -24.89 27.17 2.69
C CYS B 46 -24.41 26.52 3.97
N TYR B 47 -25.09 26.86 5.07
CA TYR B 47 -24.75 26.33 6.39
C TYR B 47 -24.78 24.81 6.43
N TYR B 48 -25.71 24.23 5.69
CA TYR B 48 -25.85 22.77 5.63
C TYR B 48 -24.62 22.14 4.98
N GLU B 49 -24.19 22.73 3.86
CA GLU B 49 -23.04 22.19 3.14
C GLU B 49 -21.72 22.48 3.86
N LEU B 50 -21.78 23.31 4.90
CA LEU B 50 -20.59 23.62 5.70
C LEU B 50 -20.70 22.88 7.03
N ALA B 51 -21.67 21.98 7.12
CA ALA B 51 -21.90 21.19 8.32
C ALA B 51 -22.27 21.98 9.59
N LYS B 52 -22.90 23.15 9.44
CA LYS B 52 -23.34 23.93 10.61
C LYS B 52 -24.85 23.73 10.61
N TYR B 53 -25.26 22.58 11.12
CA TYR B 53 -26.66 22.17 11.17
C TYR B 53 -27.57 22.93 12.12
N ASP B 54 -27.01 23.50 13.18
CA ASP B 54 -27.86 24.26 14.10
C ASP B 54 -28.25 25.55 13.40
N LEU B 55 -27.26 26.18 12.76
CA LEU B 55 -27.51 27.40 12.02
C LEU B 55 -28.45 27.08 10.86
N ALA B 56 -28.19 25.97 10.18
CA ALA B 56 -29.02 25.56 9.06
C ALA B 56 -30.49 25.37 9.47
N GLN B 57 -30.72 24.75 10.62
CA GLN B 57 -32.10 24.53 11.06
C GLN B 57 -32.79 25.85 11.34
N LYS B 58 -32.12 26.78 12.00
CA LYS B 58 -32.73 28.06 12.30
C LYS B 58 -33.17 28.72 11.00
N ASP B 59 -32.26 28.80 10.04
CA ASP B 59 -32.56 29.42 8.76
C ASP B 59 -33.69 28.78 7.97
N ILE B 60 -33.64 27.47 7.75
CA ILE B 60 -34.68 26.81 6.97
C ILE B 60 -36.03 26.97 7.65
N GLU B 61 -36.02 27.10 8.97
CA GLU B 61 -37.27 27.28 9.72
C GLU B 61 -37.75 28.71 9.63
N THR B 62 -36.82 29.66 9.57
CA THR B 62 -37.15 31.07 9.45
C THR B 62 -37.76 31.25 8.07
N TYR B 63 -37.21 30.55 7.10
CA TYR B 63 -37.70 30.60 5.73
C TYR B 63 -39.15 30.17 5.66
N PHE B 64 -39.47 29.02 6.24
CA PHE B 64 -40.85 28.54 6.20
C PHE B 64 -41.82 29.40 7.01
N SER B 65 -41.30 30.27 7.88
CA SER B 65 -42.17 31.13 8.66
C SER B 65 -42.41 32.42 7.86
N LYS B 66 -41.78 32.52 6.70
CA LYS B 66 -41.89 33.69 5.82
C LYS B 66 -42.30 33.37 4.37
N VAL B 67 -42.00 32.17 3.89
CA VAL B 67 -42.35 31.85 2.50
C VAL B 67 -43.85 31.67 2.26
N ASN B 68 -44.26 31.99 1.04
CA ASN B 68 -45.65 31.85 0.64
C ASN B 68 -45.81 30.38 0.26
N ALA B 69 -46.86 29.76 0.81
CA ALA B 69 -47.11 28.35 0.60
C ALA B 69 -47.12 27.89 -0.87
N THR B 70 -47.54 28.76 -1.77
CA THR B 70 -47.60 28.39 -3.18
C THR B 70 -46.30 28.59 -3.91
N LYS B 71 -45.31 29.16 -3.23
CA LYS B 71 -44.00 29.42 -3.83
C LYS B 71 -42.93 28.43 -3.35
N ALA B 72 -43.16 27.79 -2.19
CA ALA B 72 -42.20 26.82 -1.67
C ALA B 72 -41.98 25.73 -2.70
N LYS B 73 -40.73 25.34 -2.90
CA LYS B 73 -40.39 24.35 -3.89
C LYS B 73 -40.06 23.02 -3.26
N SER B 74 -40.14 21.96 -4.05
CA SER B 74 -39.82 20.63 -3.56
C SER B 74 -38.48 20.62 -2.84
N ALA B 75 -37.48 21.23 -3.48
CA ALA B 75 -36.13 21.30 -2.94
C ALA B 75 -36.04 21.91 -1.54
N ASP B 76 -36.95 22.81 -1.19
CA ASP B 76 -36.90 23.43 0.13
C ASP B 76 -37.27 22.45 1.24
N PHE B 77 -38.24 21.59 0.95
CA PHE B 77 -38.66 20.58 1.90
C PHE B 77 -37.54 19.56 2.07
N GLU B 78 -36.88 19.24 0.96
CA GLU B 78 -35.78 18.29 0.95
C GLU B 78 -34.66 18.72 1.89
N TYR B 79 -34.16 19.95 1.76
CA TYR B 79 -33.09 20.36 2.65
C TYR B 79 -33.57 20.47 4.09
N TYR B 80 -34.87 20.75 4.27
CA TYR B 80 -35.42 20.82 5.61
C TYR B 80 -35.23 19.42 6.19
N GLY B 81 -35.56 18.42 5.37
CA GLY B 81 -35.44 17.04 5.79
C GLY B 81 -34.00 16.62 5.94
N LYS B 82 -33.11 17.16 5.12
CA LYS B 82 -31.71 16.83 5.18
C LYS B 82 -31.12 17.40 6.45
N ILE B 83 -31.56 18.62 6.77
CA ILE B 83 -31.12 19.32 7.95
C ILE B 83 -31.69 18.67 9.18
N LEU B 84 -32.96 18.27 9.12
CA LEU B 84 -33.59 17.60 10.25
C LEU B 84 -32.92 16.27 10.57
N MSE B 85 -32.52 15.54 9.54
CA MSE B 85 -31.86 14.24 9.75
C MSE B 85 -30.50 14.48 10.39
O MSE B 85 -30.11 13.75 11.29
CB MSE B 85 -31.70 13.51 8.43
CG MSE B 85 -31.26 12.05 8.55
SE MSE B 85 -32.63 10.92 9.29
CE MSE B 85 -33.80 10.82 7.72
N LYS B 86 -29.76 15.48 9.94
CA LYS B 86 -28.46 15.75 10.53
C LYS B 86 -28.60 16.19 11.98
N LYS B 87 -29.80 16.65 12.36
CA LYS B 87 -30.05 17.07 13.73
C LYS B 87 -30.69 15.99 14.57
N GLY B 88 -30.84 14.81 13.98
CA GLY B 88 -31.41 13.70 14.70
C GLY B 88 -32.91 13.68 14.83
N GLN B 89 -33.62 14.46 14.04
CA GLN B 89 -35.08 14.45 14.10
C GLN B 89 -35.56 13.56 12.95
N ASP B 90 -35.33 12.27 13.09
CA ASP B 90 -35.67 11.27 12.07
C ASP B 90 -37.08 11.29 11.49
N SER B 91 -38.11 11.20 12.33
CA SER B 91 -39.48 11.20 11.83
C SER B 91 -39.89 12.50 11.15
N LEU B 92 -39.46 13.64 11.71
CA LEU B 92 -39.79 14.93 11.11
C LEU B 92 -39.13 15.02 9.74
N ALA B 93 -37.93 14.47 9.64
CA ALA B 93 -37.16 14.47 8.40
C ALA B 93 -37.87 13.60 7.36
N ILE B 94 -38.27 12.39 7.74
CA ILE B 94 -38.96 11.51 6.82
C ILE B 94 -40.21 12.21 6.26
N GLN B 95 -40.95 12.88 7.13
CA GLN B 95 -42.14 13.59 6.70
C GLN B 95 -41.85 14.65 5.65
N GLN B 96 -40.73 15.35 5.81
CA GLN B 96 -40.34 16.38 4.85
C GLN B 96 -39.89 15.75 3.54
N TYR B 97 -39.26 14.58 3.61
CA TYR B 97 -38.84 13.92 2.38
C TYR B 97 -40.09 13.54 1.62
N GLN B 98 -41.13 13.16 2.35
CA GLN B 98 -42.40 12.79 1.71
C GLN B 98 -43.00 14.06 1.12
N ALA B 99 -43.13 15.09 1.95
CA ALA B 99 -43.67 16.35 1.48
C ALA B 99 -42.95 16.80 0.21
N ALA B 100 -41.64 16.59 0.18
CA ALA B 100 -40.86 17.01 -0.97
C ALA B 100 -41.32 16.35 -2.25
N VAL B 101 -41.61 15.05 -2.18
CA VAL B 101 -42.05 14.36 -3.38
C VAL B 101 -43.52 14.60 -3.65
N ASP B 102 -44.30 14.95 -2.62
CA ASP B 102 -45.72 15.24 -2.82
C ASP B 102 -45.84 16.53 -3.64
N ARG B 103 -44.93 17.46 -3.38
CA ARG B 103 -44.86 18.78 -4.03
C ARG B 103 -44.38 18.72 -5.48
N ASP B 104 -43.38 17.88 -5.73
CA ASP B 104 -42.83 17.66 -7.07
C ASP B 104 -42.78 16.13 -7.21
N THR B 105 -43.85 15.56 -7.75
CA THR B 105 -43.97 14.11 -7.88
C THR B 105 -42.94 13.40 -8.75
N THR B 106 -41.99 14.16 -9.28
CA THR B 106 -40.96 13.58 -10.11
C THR B 106 -39.70 13.35 -9.29
N ARG B 107 -39.68 13.85 -8.06
CA ARG B 107 -38.54 13.69 -7.15
C ARG B 107 -38.63 12.31 -6.49
N LEU B 108 -38.78 11.27 -7.31
CA LEU B 108 -38.89 9.90 -6.81
C LEU B 108 -37.71 9.52 -5.95
N ASP B 109 -36.61 10.23 -6.13
CA ASP B 109 -35.43 9.96 -5.34
C ASP B 109 -35.68 10.23 -3.86
N MSE B 110 -36.78 10.90 -3.54
CA MSE B 110 -37.10 11.15 -2.13
C MSE B 110 -37.42 9.80 -1.51
O MSE B 110 -37.02 9.49 -0.37
CB MSE B 110 -38.29 12.10 -1.98
CG MSE B 110 -37.97 13.57 -2.25
SE MSE B 110 -36.40 14.17 -1.33
CE MSE B 110 -37.12 15.02 0.19
N TYR B 111 -38.16 8.96 -2.24
CA TYR B 111 -38.48 7.63 -1.72
C TYR B 111 -37.19 6.85 -1.56
N GLY B 112 -36.22 7.11 -2.44
CA GLY B 112 -34.95 6.44 -2.34
C GLY B 112 -34.31 6.81 -1.01
N GLN B 113 -34.41 8.10 -0.65
CA GLN B 113 -33.85 8.61 0.60
C GLN B 113 -34.51 7.95 1.81
N ILE B 114 -35.84 7.96 1.83
CA ILE B 114 -36.57 7.36 2.95
C ILE B 114 -36.22 5.89 3.12
N GLY B 115 -36.04 5.18 2.00
CA GLY B 115 -35.70 3.77 2.07
C GLY B 115 -34.29 3.54 2.58
N SER B 116 -33.35 4.36 2.09
CA SER B 116 -31.97 4.23 2.53
C SER B 116 -31.94 4.41 4.04
N TYR B 117 -32.70 5.37 4.55
CA TYR B 117 -32.74 5.59 6.00
C TYR B 117 -33.12 4.31 6.74
N PHE B 118 -34.23 3.69 6.38
CA PHE B 118 -34.63 2.45 7.06
C PHE B 118 -33.64 1.29 6.83
N TYR B 119 -33.01 1.27 5.66
CA TYR B 119 -32.01 0.25 5.34
C TYR B 119 -30.88 0.38 6.40
N ASN B 120 -30.46 1.61 6.67
CA ASN B 120 -29.42 1.81 7.68
C ASN B 120 -29.93 1.48 9.08
N LYS B 121 -31.25 1.45 9.28
CA LYS B 121 -31.80 1.12 10.61
C LYS B 121 -32.19 -0.35 10.71
N GLY B 122 -31.86 -1.13 9.69
CA GLY B 122 -32.17 -2.56 9.73
C GLY B 122 -33.58 -2.98 9.39
N ASN B 123 -34.37 -2.12 8.76
CA ASN B 123 -35.72 -2.55 8.42
C ASN B 123 -35.70 -2.67 6.92
N PHE B 124 -35.43 -3.88 6.44
CA PHE B 124 -35.33 -4.09 5.01
C PHE B 124 -36.67 -4.19 4.30
N PRO B 125 -37.67 -4.81 4.93
CA PRO B 125 -38.94 -4.84 4.19
C PRO B 125 -39.39 -3.41 3.93
N LEU B 126 -39.17 -2.53 4.90
CA LEU B 126 -39.58 -1.13 4.76
C LEU B 126 -38.65 -0.38 3.81
N ALA B 127 -37.35 -0.64 3.86
CA ALA B 127 -36.41 0.03 2.96
C ALA B 127 -36.73 -0.38 1.54
N ILE B 128 -37.00 -1.66 1.36
CA ILE B 128 -37.33 -2.22 0.06
C ILE B 128 -38.61 -1.58 -0.49
N GLN B 129 -39.62 -1.43 0.36
CA GLN B 129 -40.87 -0.83 -0.07
C GLN B 129 -40.63 0.54 -0.70
N TYR B 130 -40.02 1.44 0.05
CA TYR B 130 -39.78 2.79 -0.47
C TYR B 130 -38.83 2.86 -1.66
N MSE B 131 -37.84 1.96 -1.72
CA MSE B 131 -36.90 2.00 -2.84
C MSE B 131 -37.61 1.57 -4.11
O MSE B 131 -37.30 2.07 -5.19
CB MSE B 131 -35.70 1.09 -2.56
CG MSE B 131 -34.59 1.77 -1.78
SE MSE B 131 -33.26 0.52 -1.20
CE MSE B 131 -32.34 1.63 0.04
N GLU B 132 -38.56 0.65 -3.97
CA GLU B 132 -39.31 0.16 -5.10
C GLU B 132 -40.24 1.22 -5.67
N LYS B 133 -40.74 2.11 -4.81
CA LYS B 133 -41.61 3.19 -5.27
C LYS B 133 -40.85 4.02 -6.32
N GLN B 134 -39.56 3.78 -6.44
CA GLN B 134 -38.74 4.49 -7.41
C GLN B 134 -38.81 3.85 -8.78
N ILE B 135 -39.10 2.54 -8.80
CA ILE B 135 -39.15 1.78 -10.04
C ILE B 135 -40.33 2.10 -10.93
N ARG B 136 -39.98 2.58 -12.11
CA ARG B 136 -40.96 2.93 -13.12
C ARG B 136 -40.48 2.16 -14.34
N PRO B 137 -41.40 1.74 -15.19
CA PRO B 137 -40.96 0.98 -16.38
C PRO B 137 -40.17 1.94 -17.27
N THR B 138 -39.37 2.81 -16.64
CA THR B 138 -38.59 3.80 -17.38
C THR B 138 -37.32 4.15 -16.64
N THR B 139 -37.28 3.77 -15.37
CA THR B 139 -36.14 4.07 -14.49
C THR B 139 -34.78 3.82 -15.12
N THR B 140 -33.87 4.77 -14.95
CA THR B 140 -32.53 4.60 -15.53
C THR B 140 -31.38 4.89 -14.56
N ASP B 141 -31.68 5.27 -13.33
CA ASP B 141 -30.60 5.52 -12.39
C ASP B 141 -30.09 4.18 -11.87
N PRO B 142 -28.87 3.77 -12.25
CA PRO B 142 -28.30 2.50 -11.82
C PRO B 142 -28.21 2.39 -10.30
N LYS B 143 -28.09 3.53 -9.62
CA LYS B 143 -27.99 3.53 -8.17
C LYS B 143 -29.27 3.03 -7.54
N VAL B 144 -30.39 3.28 -8.19
CA VAL B 144 -31.65 2.81 -7.67
C VAL B 144 -31.56 1.28 -7.58
N PHE B 145 -31.18 0.66 -8.68
CA PHE B 145 -31.05 -0.80 -8.73
C PHE B 145 -29.92 -1.35 -7.87
N TYR B 146 -28.88 -0.55 -7.67
CA TYR B 146 -27.74 -0.97 -6.86
C TYR B 146 -28.10 -1.01 -5.37
N GLU B 147 -28.78 0.04 -4.91
CA GLU B 147 -29.18 0.13 -3.50
C GLU B 147 -30.35 -0.82 -3.19
N LEU B 148 -31.23 -1.01 -4.15
CA LEU B 148 -32.36 -1.90 -3.95
C LEU B 148 -31.84 -3.32 -3.87
N GLY B 149 -30.87 -3.64 -4.71
CA GLY B 149 -30.30 -4.98 -4.72
C GLY B 149 -29.70 -5.34 -3.38
N GLN B 150 -28.94 -4.40 -2.81
CA GLN B 150 -28.32 -4.61 -1.51
C GLN B 150 -29.41 -4.81 -0.48
N ALA B 151 -30.48 -4.03 -0.61
CA ALA B 151 -31.61 -4.11 0.31
C ALA B 151 -32.17 -5.51 0.28
N TYR B 152 -32.31 -6.08 -0.92
CA TYR B 152 -32.84 -7.43 -1.06
C TYR B 152 -31.85 -8.44 -0.46
N TYR B 153 -30.57 -8.22 -0.77
CA TYR B 153 -29.50 -9.06 -0.28
C TYR B 153 -29.55 -9.18 1.23
N TYR B 154 -29.50 -8.04 1.91
CA TYR B 154 -29.53 -8.09 3.36
C TYR B 154 -30.84 -8.59 3.90
N ASN B 155 -31.88 -8.57 3.07
CA ASN B 155 -33.17 -9.06 3.50
C ASN B 155 -33.27 -10.55 3.16
N LYS B 156 -32.14 -11.10 2.73
CA LYS B 156 -32.05 -12.50 2.37
C LYS B 156 -32.85 -12.97 1.15
N GLU B 157 -33.13 -12.07 0.23
CA GLU B 157 -33.85 -12.43 -1.00
C GLU B 157 -32.77 -12.32 -2.07
N TYR B 158 -31.90 -13.31 -2.10
CA TYR B 158 -30.77 -13.32 -3.01
C TYR B 158 -31.06 -13.44 -4.49
N VAL B 159 -32.22 -13.97 -4.86
CA VAL B 159 -32.54 -14.09 -6.28
C VAL B 159 -32.97 -12.73 -6.80
N LYS B 160 -33.79 -12.04 -6.03
CA LYS B 160 -34.25 -10.72 -6.45
C LYS B 160 -33.04 -9.78 -6.43
N ALA B 161 -32.19 -9.94 -5.42
CA ALA B 161 -30.99 -9.13 -5.30
C ALA B 161 -30.17 -9.28 -6.56
N ASP B 162 -30.05 -10.52 -7.05
CA ASP B 162 -29.26 -10.78 -8.25
C ASP B 162 -29.91 -10.09 -9.44
N SER B 163 -31.19 -10.33 -9.64
CA SER B 163 -31.93 -9.74 -10.76
C SER B 163 -31.74 -8.25 -10.75
N SER B 164 -31.67 -7.67 -9.56
CA SER B 164 -31.50 -6.23 -9.43
C SER B 164 -30.07 -5.80 -9.78
N PHE B 165 -29.10 -6.65 -9.49
CA PHE B 165 -27.73 -6.30 -9.81
C PHE B 165 -27.52 -6.49 -11.33
N VAL B 166 -28.29 -7.38 -11.94
CA VAL B 166 -28.20 -7.58 -13.39
C VAL B 166 -28.55 -6.22 -14.00
N LYS B 167 -29.66 -5.66 -13.56
CA LYS B 167 -30.13 -4.35 -14.03
C LYS B 167 -29.05 -3.30 -13.99
N VAL B 168 -28.19 -3.38 -12.99
CA VAL B 168 -27.09 -2.43 -12.87
C VAL B 168 -26.14 -2.68 -14.03
N LEU B 169 -25.83 -3.95 -14.27
CA LEU B 169 -24.93 -4.31 -15.37
C LEU B 169 -25.51 -3.93 -16.73
N GLU B 170 -26.83 -3.99 -16.87
CA GLU B 170 -27.49 -3.66 -18.13
C GLU B 170 -27.38 -2.18 -18.42
N LEU B 171 -27.42 -1.36 -17.37
CA LEU B 171 -27.34 0.09 -17.51
C LEU B 171 -25.91 0.58 -17.63
N LYS B 172 -25.00 -0.09 -16.96
CA LYS B 172 -23.59 0.26 -17.03
C LYS B 172 -22.82 -1.05 -17.23
N PRO B 173 -22.59 -1.46 -18.49
CA PRO B 173 -21.90 -2.70 -18.87
C PRO B 173 -20.49 -2.89 -18.34
N ASN B 174 -20.26 -4.00 -17.64
CA ASN B 174 -18.93 -4.30 -17.13
C ASN B 174 -18.54 -3.56 -15.88
N ILE B 175 -19.45 -2.81 -15.26
CA ILE B 175 -19.09 -2.07 -14.05
C ILE B 175 -18.74 -3.11 -12.98
N TYR B 176 -17.50 -3.09 -12.52
CA TYR B 176 -17.03 -4.07 -11.53
C TYR B 176 -17.95 -4.30 -10.33
N ILE B 177 -18.49 -3.22 -9.79
CA ILE B 177 -19.38 -3.33 -8.64
C ILE B 177 -20.60 -4.22 -8.93
N GLY B 178 -20.92 -4.40 -10.20
CA GLY B 178 -22.06 -5.23 -10.56
C GLY B 178 -21.69 -6.70 -10.50
N TYR B 179 -20.47 -7.01 -10.89
CA TYR B 179 -20.05 -8.39 -10.82
C TYR B 179 -19.80 -8.76 -9.38
N LEU B 180 -19.21 -7.84 -8.63
CA LEU B 180 -18.95 -8.13 -7.22
C LEU B 180 -20.24 -8.54 -6.53
N TRP B 181 -21.31 -7.78 -6.75
CA TRP B 181 -22.58 -8.07 -6.10
C TRP B 181 -23.31 -9.30 -6.62
N ARG B 182 -23.30 -9.51 -7.94
CA ARG B 182 -23.91 -10.73 -8.48
C ARG B 182 -23.17 -11.87 -7.80
N ALA B 183 -21.86 -11.72 -7.71
CA ALA B 183 -21.04 -12.75 -7.09
C ALA B 183 -21.52 -13.02 -5.66
N ARG B 184 -21.73 -11.95 -4.89
CA ARG B 184 -22.17 -12.10 -3.50
C ARG B 184 -23.60 -12.68 -3.43
N ALA B 185 -24.49 -12.20 -4.28
CA ALA B 185 -25.87 -12.68 -4.28
C ALA B 185 -25.93 -14.17 -4.61
N ASN B 186 -25.07 -14.59 -5.54
CA ASN B 186 -25.00 -15.99 -5.95
C ASN B 186 -24.31 -16.88 -4.92
N ALA B 187 -23.29 -16.33 -4.25
CA ALA B 187 -22.57 -17.10 -3.24
C ALA B 187 -23.54 -17.38 -2.10
N ALA B 188 -24.45 -16.44 -1.87
CA ALA B 188 -25.45 -16.57 -0.81
C ALA B 188 -26.42 -17.69 -1.15
N GLN B 189 -26.60 -17.95 -2.45
CA GLN B 189 -27.50 -19.01 -2.90
C GLN B 189 -26.87 -20.40 -2.89
N ASP B 190 -25.54 -20.44 -2.82
CA ASP B 190 -24.75 -21.66 -2.81
C ASP B 190 -23.77 -21.53 -1.63
N PRO B 191 -24.30 -21.48 -0.39
CA PRO B 191 -23.55 -21.35 0.86
C PRO B 191 -22.39 -22.31 1.10
N ASP B 192 -22.56 -23.58 0.74
CA ASP B 192 -21.51 -24.55 0.92
C ASP B 192 -20.69 -24.75 -0.34
N THR B 193 -20.82 -23.81 -1.28
CA THR B 193 -20.07 -23.85 -2.53
C THR B 193 -20.17 -25.23 -3.22
N LYS B 194 -21.38 -25.76 -3.26
CA LYS B 194 -21.65 -27.05 -3.89
C LYS B 194 -21.90 -26.92 -5.38
N GLN B 195 -21.99 -25.70 -5.88
CA GLN B 195 -22.23 -25.46 -7.30
C GLN B 195 -21.39 -24.37 -7.92
N GLY B 196 -20.65 -23.64 -7.09
CA GLY B 196 -19.81 -22.57 -7.59
C GLY B 196 -20.65 -21.57 -8.36
N LEU B 197 -21.83 -21.25 -7.83
CA LEU B 197 -22.70 -20.27 -8.47
C LEU B 197 -21.99 -18.93 -8.59
N ALA B 198 -21.19 -18.58 -7.59
CA ALA B 198 -20.51 -17.29 -7.59
C ALA B 198 -19.22 -17.25 -8.40
N LYS B 199 -18.71 -18.43 -8.75
CA LYS B 199 -17.47 -18.57 -9.49
C LYS B 199 -17.31 -17.69 -10.71
N PRO B 200 -18.22 -17.81 -11.69
CA PRO B 200 -18.08 -16.98 -12.88
C PRO B 200 -18.10 -15.46 -12.68
N TYR B 201 -18.86 -14.98 -11.69
CA TYR B 201 -18.93 -13.55 -11.45
C TYR B 201 -17.67 -13.02 -10.82
N TYR B 202 -17.09 -13.79 -9.90
CA TYR B 202 -15.86 -13.36 -9.28
C TYR B 202 -14.78 -13.40 -10.36
N GLU B 203 -14.89 -14.35 -11.29
CA GLU B 203 -13.90 -14.44 -12.36
C GLU B 203 -14.03 -13.26 -13.31
N LYS B 204 -15.24 -12.75 -13.51
CA LYS B 204 -15.38 -11.60 -14.39
C LYS B 204 -14.87 -10.39 -13.62
N LEU B 205 -15.15 -10.38 -12.32
CA LEU B 205 -14.72 -9.28 -11.46
C LEU B 205 -13.20 -9.16 -11.59
N ILE B 206 -12.53 -10.29 -11.61
CA ILE B 206 -11.08 -10.32 -11.74
C ILE B 206 -10.68 -9.84 -13.13
N GLU B 207 -11.53 -10.15 -14.11
CA GLU B 207 -11.28 -9.74 -15.49
C GLU B 207 -11.25 -8.24 -15.64
N VAL B 208 -12.32 -7.60 -15.21
CA VAL B 208 -12.45 -6.15 -15.32
C VAL B 208 -11.70 -5.42 -14.23
N CYS B 209 -11.09 -6.15 -13.31
CA CYS B 209 -10.38 -5.48 -12.23
C CYS B 209 -8.88 -5.76 -12.21
N ALA B 210 -8.45 -6.92 -12.71
CA ALA B 210 -7.01 -7.21 -12.67
C ALA B 210 -6.13 -6.03 -13.17
N PRO B 211 -6.45 -5.47 -14.34
CA PRO B 211 -5.67 -4.35 -14.89
C PRO B 211 -5.46 -3.14 -13.98
N GLY B 212 -6.37 -2.91 -13.04
CA GLY B 212 -6.21 -1.73 -12.20
C GLY B 212 -5.42 -2.04 -10.94
N GLY B 213 -5.11 -3.33 -10.76
CA GLY B 213 -4.34 -3.71 -9.58
C GLY B 213 -4.83 -3.18 -8.24
N ALA B 214 -3.95 -2.44 -7.58
CA ALA B 214 -4.18 -1.88 -6.25
C ALA B 214 -5.41 -1.01 -6.08
N LYS B 215 -5.90 -0.44 -7.17
CA LYS B 215 -7.08 0.43 -7.08
C LYS B 215 -8.26 -0.43 -6.65
N TYR B 216 -8.24 -1.70 -7.06
CA TYR B 216 -9.28 -2.65 -6.72
C TYR B 216 -8.75 -3.78 -5.85
N LYS B 217 -8.00 -3.39 -4.81
CA LYS B 217 -7.39 -4.34 -3.88
C LYS B 217 -8.40 -5.22 -3.13
N ASP B 218 -9.26 -4.58 -2.33
CA ASP B 218 -10.26 -5.32 -1.56
C ASP B 218 -11.11 -6.25 -2.41
N GLU B 219 -11.50 -5.76 -3.59
CA GLU B 219 -12.34 -6.55 -4.49
C GLU B 219 -11.57 -7.71 -5.11
N LEU B 220 -10.32 -7.48 -5.50
CA LEU B 220 -9.53 -8.54 -6.12
C LEU B 220 -9.17 -9.65 -5.14
N ILE B 221 -8.97 -9.29 -3.87
CA ILE B 221 -8.63 -10.29 -2.87
C ILE B 221 -9.84 -11.15 -2.56
N GLU B 222 -11.02 -10.55 -2.54
CA GLU B 222 -12.25 -11.27 -2.25
C GLU B 222 -12.54 -12.31 -3.33
N ALA B 223 -12.45 -11.89 -4.58
CA ALA B 223 -12.69 -12.77 -5.72
C ALA B 223 -11.67 -13.89 -5.69
N ASN B 224 -10.42 -13.55 -5.38
CA ASN B 224 -9.38 -14.55 -5.32
C ASN B 224 -9.55 -15.48 -4.11
N GLU B 225 -9.94 -14.93 -2.97
CA GLU B 225 -10.13 -15.77 -1.81
C GLU B 225 -11.18 -16.83 -2.19
N TYR B 226 -12.33 -16.39 -2.72
CA TYR B 226 -13.36 -17.34 -3.10
C TYR B 226 -12.77 -18.41 -4.04
N ILE B 227 -12.07 -17.98 -5.09
CA ILE B 227 -11.50 -18.93 -6.03
C ILE B 227 -10.61 -19.93 -5.32
N ALA B 228 -9.70 -19.42 -4.51
CA ALA B 228 -8.77 -20.27 -3.77
C ALA B 228 -9.45 -21.30 -2.88
N TYR B 229 -10.59 -20.91 -2.29
CA TYR B 229 -11.34 -21.82 -1.44
C TYR B 229 -12.15 -22.73 -2.35
N TYR B 230 -12.53 -22.22 -3.51
CA TYR B 230 -13.30 -23.03 -4.44
C TYR B 230 -12.44 -24.24 -4.80
N TYR B 231 -11.28 -23.96 -5.40
CA TYR B 231 -10.35 -25.00 -5.84
C TYR B 231 -9.75 -25.85 -4.72
N THR B 232 -9.84 -25.40 -3.48
CA THR B 232 -9.31 -26.20 -2.38
C THR B 232 -10.32 -27.33 -2.17
N ILE B 233 -11.59 -26.97 -2.25
CA ILE B 233 -12.66 -27.93 -2.11
C ILE B 233 -12.43 -28.94 -3.25
N ASN B 234 -12.20 -28.41 -4.44
CA ASN B 234 -11.95 -29.20 -5.65
C ASN B 234 -10.55 -29.81 -5.68
N ARG B 235 -9.80 -29.55 -4.62
CA ARG B 235 -8.44 -30.08 -4.48
C ARG B 235 -7.39 -29.68 -5.51
N ASP B 236 -7.69 -28.70 -6.35
CA ASP B 236 -6.72 -28.27 -7.36
C ASP B 236 -5.71 -27.32 -6.72
N LYS B 237 -4.70 -27.93 -6.09
CA LYS B 237 -3.63 -27.20 -5.41
C LYS B 237 -2.94 -26.17 -6.31
N VAL B 238 -2.87 -26.44 -7.61
CA VAL B 238 -2.22 -25.49 -8.51
C VAL B 238 -2.98 -24.17 -8.62
N LYS B 239 -4.26 -24.24 -8.94
CA LYS B 239 -5.08 -23.04 -9.07
C LYS B 239 -5.32 -22.38 -7.72
N ALA B 240 -5.53 -23.20 -6.70
CA ALA B 240 -5.74 -22.67 -5.37
C ALA B 240 -4.52 -21.81 -4.99
N ASP B 241 -3.34 -22.34 -5.25
CA ASP B 241 -2.12 -21.61 -4.91
C ASP B 241 -1.92 -20.33 -5.74
N ALA B 242 -2.36 -20.35 -6.99
CA ALA B 242 -2.23 -19.17 -7.83
C ALA B 242 -3.15 -18.10 -7.25
N ALA B 243 -4.35 -18.51 -6.87
CA ALA B 243 -5.32 -17.59 -6.31
C ALA B 243 -4.71 -16.96 -5.07
N TRP B 244 -4.10 -17.79 -4.21
CA TRP B 244 -3.44 -17.29 -3.02
C TRP B 244 -2.28 -16.35 -3.41
N LYS B 245 -1.60 -16.67 -4.50
CA LYS B 245 -0.49 -15.84 -4.95
C LYS B 245 -0.92 -14.49 -5.51
N ASN B 246 -2.09 -14.45 -6.13
CA ASN B 246 -2.58 -13.18 -6.67
C ASN B 246 -2.85 -12.24 -5.52
N ILE B 247 -3.20 -12.82 -4.38
CA ILE B 247 -3.51 -12.03 -3.20
C ILE B 247 -2.28 -11.41 -2.58
N LEU B 248 -1.19 -12.18 -2.48
CA LEU B 248 0.03 -11.64 -1.89
C LEU B 248 0.67 -10.62 -2.82
N ALA B 249 0.43 -10.78 -4.12
CA ALA B 249 0.96 -9.86 -5.13
C ALA B 249 0.24 -8.53 -4.97
N LEU B 250 -0.81 -8.53 -4.16
CA LEU B 250 -1.58 -7.32 -3.90
C LEU B 250 -1.34 -6.92 -2.45
N ASP B 251 -1.22 -7.92 -1.57
CA ASP B 251 -1.00 -7.70 -0.15
C ASP B 251 -0.05 -8.75 0.49
N PRO B 252 1.26 -8.46 0.53
CA PRO B 252 2.28 -9.37 1.09
C PRO B 252 2.11 -9.79 2.55
N THR B 253 1.29 -9.06 3.31
CA THR B 253 1.09 -9.39 4.71
C THR B 253 -0.21 -10.17 4.99
N ASN B 254 -0.97 -10.48 3.95
CA ASN B 254 -2.23 -11.19 4.11
C ASN B 254 -2.07 -12.54 4.82
N LYS B 255 -2.62 -12.63 6.03
CA LYS B 255 -2.53 -13.85 6.82
C LYS B 255 -3.23 -15.05 6.17
N LYS B 256 -4.41 -14.84 5.62
CA LYS B 256 -5.15 -15.93 4.98
C LYS B 256 -4.34 -16.57 3.85
N ALA B 257 -3.92 -15.77 2.89
CA ALA B 257 -3.13 -16.23 1.76
C ALA B 257 -1.81 -16.85 2.17
N ILE B 258 -1.26 -16.35 3.27
CA ILE B 258 0.02 -16.84 3.79
C ILE B 258 -0.12 -18.27 4.32
N ASP B 259 -1.09 -18.47 5.21
CA ASP B 259 -1.32 -19.78 5.82
C ASP B 259 -1.85 -20.82 4.84
N GLY B 260 -2.57 -20.35 3.83
CA GLY B 260 -3.12 -21.26 2.84
C GLY B 260 -2.02 -21.80 1.93
N LEU B 261 -0.86 -21.17 1.99
CA LEU B 261 0.27 -21.58 1.17
C LEU B 261 1.30 -22.44 1.87
N LYS B 262 1.47 -22.26 3.17
CA LYS B 262 2.46 -23.01 3.95
C LYS B 262 2.18 -24.44 4.37
N MSE B 263 2.88 -24.85 5.43
CA MSE B 263 2.77 -26.19 6.00
C MSE B 263 2.59 -26.11 7.51
O MSE B 263 1.85 -25.21 7.95
CB MSE B 263 4.04 -26.99 5.68
CG MSE B 263 3.78 -28.46 5.35
SE MSE B 263 5.40 -29.49 4.97
CE MSE B 263 4.84 -30.41 3.35
#